data_5J7X
#
_entry.id   5J7X
#
_cell.length_a   109.670
_cell.length_b   177.510
_cell.length_c   76.370
_cell.angle_alpha   90.000
_cell.angle_beta   90.000
_cell.angle_gamma   90.000
#
_symmetry.space_group_name_H-M   'C 2 2 2'
#
loop_
_entity.id
_entity.type
_entity.pdbx_description
1 polymer 'Dimethylaniline monooxygenase, putative'
2 non-polymer 'FLAVIN-ADENINE DINUCLEOTIDE'
3 non-polymer 'SULFATE ION'
4 non-polymer TRIS(HYDROXYETHYL)AMINOMETHANE
5 water water
#
_entity_poly.entity_id   1
_entity_poly.type   'polypeptide(L)'
_entity_poly.pdbx_seq_one_letter_code
;MNGTQASNGVLHLDALIIGSGFSGIYLLHKLRDELKLKVKIFEAESDIGGTWNNNRYPGARVDCPVPFYAYSLPEVWQSW
NWTELYPNQKEIKSYFDHVDRVLDVRKDCLFHSRVNEGTFDEATGRWTVWTTDGKVATAKYLLVAVGFASKSYLPDWKGL
DSFKGTIYHSAHWPEAEEISVKGKKVAVIGTGSTGIQIFQEWAREAEEAFLFQRTPNLCLPMRQQELHAGYQVKDKGEYA
DYLAECALTFGGLEYQQTPKNTFDASEEEREAFWEDLYQMGGFRFWQNNYQDLLTSLDANREAYNFWARKTRARIQDPKK
RDLLAPLEPPYPFGTKRPSLEQDFYEQFNKSNVHIVDTKSQPIVGVTPTGIVTADEKVHEVDIIAVATGFDAVTGGLLRL
GLKDVNGVGLDERWKDGMSTYLGMAISGFPNMFLPYSLQAPTAFANGPTLIELQGDWITSLIRKMEMENVQSVTATPHAE
SAWNDEVNMIANKTLLPLTDSWYMGSNIPGKPVQSLNYLGGLPTYRERCAKVLDEDFFGFAKAHHHHHH
;
_entity_poly.pdbx_strand_id   A
#
# COMPACT_ATOMS: atom_id res chain seq x y z
N GLY A 9 -3.94 33.62 12.41
CA GLY A 9 -5.26 33.24 12.95
C GLY A 9 -5.83 31.99 12.25
N VAL A 10 -7.13 31.90 12.17
CA VAL A 10 -7.83 30.89 11.44
C VAL A 10 -7.47 31.04 9.93
N LEU A 11 -7.10 29.96 9.30
CA LEU A 11 -6.69 29.92 7.87
C LEU A 11 -7.89 29.56 7.02
N HIS A 12 -8.33 30.39 6.08
CA HIS A 12 -9.38 30.03 5.24
C HIS A 12 -8.95 29.79 3.79
N LEU A 13 -9.34 28.66 3.23
CA LEU A 13 -8.80 28.10 1.99
C LEU A 13 -9.91 27.73 1.08
N ASP A 14 -9.63 27.59 -0.23
CA ASP A 14 -10.51 26.89 -1.15
C ASP A 14 -10.47 25.38 -0.89
N ALA A 15 -9.27 24.84 -0.82
CA ALA A 15 -9.09 23.41 -0.59
C ALA A 15 -8.00 23.13 0.43
N LEU A 16 -8.23 22.13 1.24
CA LEU A 16 -7.32 21.65 2.22
C LEU A 16 -6.95 20.22 1.92
N ILE A 17 -5.65 19.91 1.80
CA ILE A 17 -5.22 18.57 1.45
C ILE A 17 -4.63 17.97 2.72
N ILE A 18 -4.95 16.76 3.09
CA ILE A 18 -4.31 16.10 4.29
C ILE A 18 -3.33 15.09 3.73
N GLY A 19 -2.07 15.35 3.88
CA GLY A 19 -0.94 14.45 3.59
C GLY A 19 -0.12 14.95 2.43
N SER A 20 1.18 14.82 2.55
CA SER A 20 2.12 15.23 1.52
C SER A 20 2.94 14.06 0.93
N GLY A 21 2.26 12.97 0.67
CA GLY A 21 2.79 11.91 -0.21
C GLY A 21 2.56 12.14 -1.69
N PHE A 22 2.77 11.11 -2.47
CA PHE A 22 2.54 11.19 -3.88
C PHE A 22 1.20 11.81 -4.18
N SER A 23 0.15 11.27 -3.48
CA SER A 23 -1.21 11.82 -3.71
C SER A 23 -1.46 13.23 -3.38
N GLY A 24 -1.13 13.64 -2.19
CA GLY A 24 -1.40 15.02 -1.80
C GLY A 24 -0.57 16.06 -2.55
N ILE A 25 0.66 15.69 -2.89
CA ILE A 25 1.53 16.65 -3.66
C ILE A 25 0.98 16.75 -5.07
N TYR A 26 0.50 15.66 -5.69
CA TYR A 26 -0.11 15.77 -7.03
C TYR A 26 -1.30 16.71 -7.00
N LEU A 27 -2.16 16.49 -5.96
CA LEU A 27 -3.32 17.38 -5.80
C LEU A 27 -2.92 18.84 -5.54
N LEU A 28 -1.90 19.08 -4.74
CA LEU A 28 -1.51 20.43 -4.51
C LEU A 28 -1.19 21.13 -5.82
N HIS A 29 -0.34 20.45 -6.56
CA HIS A 29 0.00 20.92 -7.93
C HIS A 29 -1.15 21.18 -8.84
N LYS A 30 -2.08 20.26 -8.96
CA LYS A 30 -3.24 20.44 -9.86
C LYS A 30 -4.18 21.55 -9.40
N LEU A 31 -4.50 21.57 -8.10
CA LEU A 31 -5.48 22.54 -7.57
C LEU A 31 -4.91 23.97 -7.48
N ARG A 32 -3.62 24.08 -7.10
CA ARG A 32 -2.98 25.36 -6.97
C ARG A 32 -2.59 25.89 -8.35
N ASP A 33 -1.90 25.06 -9.12
CA ASP A 33 -1.30 25.55 -10.39
C ASP A 33 -2.20 25.50 -11.61
N GLU A 34 -3.03 24.53 -11.70
CA GLU A 34 -3.88 24.44 -12.80
C GLU A 34 -5.21 25.15 -12.47
N LEU A 35 -5.80 24.90 -11.27
CA LEU A 35 -7.04 25.56 -11.02
C LEU A 35 -6.99 26.95 -10.40
N LYS A 36 -5.83 27.34 -9.92
CA LYS A 36 -5.56 28.64 -9.30
C LYS A 36 -6.33 28.80 -8.04
N LEU A 37 -6.47 27.70 -7.30
CA LEU A 37 -7.18 27.85 -5.99
C LEU A 37 -6.18 28.21 -4.91
N LYS A 38 -6.67 28.69 -3.79
CA LYS A 38 -5.98 28.80 -2.55
C LYS A 38 -5.99 27.45 -1.80
N VAL A 39 -4.83 26.86 -1.63
CA VAL A 39 -4.69 25.46 -1.17
C VAL A 39 -3.48 25.33 -0.33
N LYS A 40 -3.56 24.49 0.70
CA LYS A 40 -2.47 24.09 1.59
C LYS A 40 -2.60 22.61 1.83
N ILE A 41 -1.47 22.03 2.19
CA ILE A 41 -1.37 20.66 2.73
C ILE A 41 -1.15 20.73 4.22
N PHE A 42 -1.97 20.05 5.01
CA PHE A 42 -1.60 19.78 6.35
C PHE A 42 -0.93 18.43 6.37
N GLU A 43 0.29 18.38 6.86
CA GLU A 43 0.97 17.12 6.88
C GLU A 43 1.39 16.83 8.31
N ALA A 44 1.12 15.63 8.75
CA ALA A 44 1.30 15.24 10.14
C ALA A 44 2.73 15.28 10.64
N GLU A 45 3.66 14.84 9.78
CA GLU A 45 5.02 14.63 10.21
C GLU A 45 5.92 15.67 9.57
N SER A 46 7.21 15.37 9.42
CA SER A 46 8.22 16.45 9.36
C SER A 46 8.45 16.96 7.92
N ASP A 47 8.14 16.19 6.92
CA ASP A 47 8.55 16.50 5.56
C ASP A 47 7.71 15.79 4.54
N ILE A 48 7.88 16.06 3.25
CA ILE A 48 7.19 15.42 2.18
C ILE A 48 7.67 14.04 1.87
N GLY A 49 6.90 13.33 1.07
CA GLY A 49 7.18 12.00 0.51
C GLY A 49 6.28 10.91 1.01
N GLY A 50 5.47 11.21 2.05
CA GLY A 50 4.52 10.25 2.50
C GLY A 50 5.13 9.08 3.22
N THR A 51 4.71 7.90 2.81
CA THR A 51 5.27 6.65 3.25
C THR A 51 6.81 6.56 3.08
N TRP A 52 7.34 7.30 2.12
CA TRP A 52 8.77 7.38 1.88
C TRP A 52 9.51 8.30 2.87
N ASN A 53 8.84 9.24 3.52
CA ASN A 53 9.38 9.96 4.64
C ASN A 53 9.19 9.16 5.90
N ASN A 54 8.04 8.48 6.03
CA ASN A 54 7.69 7.82 7.20
C ASN A 54 8.35 6.43 7.48
N ASN A 55 8.58 5.63 6.47
CA ASN A 55 8.97 4.21 6.60
C ASN A 55 10.40 4.10 6.02
N ARG A 56 11.38 4.29 6.86
N ARG A 56 11.31 4.15 6.95
CA ARG A 56 12.78 4.31 6.41
CA ARG A 56 12.74 4.32 6.74
C ARG A 56 13.52 3.03 6.85
C ARG A 56 13.44 3.07 7.20
N TYR A 57 12.78 1.94 7.09
CA TYR A 57 13.37 0.63 7.53
C TYR A 57 14.38 0.04 6.58
N PRO A 58 15.31 -0.81 7.08
CA PRO A 58 16.35 -1.30 6.17
C PRO A 58 15.80 -2.12 5.03
N GLY A 59 16.29 -1.89 3.87
CA GLY A 59 15.70 -2.59 2.68
C GLY A 59 14.48 -2.04 1.96
N ALA A 60 13.91 -1.01 2.51
CA ALA A 60 12.71 -0.47 1.90
C ALA A 60 12.92 -0.08 0.44
N ARG A 61 12.07 -0.59 -0.40
CA ARG A 61 12.24 -0.59 -1.80
C ARG A 61 10.99 -0.72 -2.53
N VAL A 62 10.89 -0.08 -3.74
CA VAL A 62 9.67 -0.23 -4.59
C VAL A 62 9.45 -1.61 -5.16
N ASP A 63 8.23 -1.86 -5.67
CA ASP A 63 7.92 -3.12 -6.34
C ASP A 63 7.44 -2.94 -7.77
N CYS A 64 7.39 -1.71 -8.29
CA CYS A 64 7.08 -1.42 -9.60
C CYS A 64 8.31 -0.73 -10.27
N PRO A 65 8.68 -1.12 -11.45
CA PRO A 65 9.97 -0.70 -12.02
C PRO A 65 9.98 0.60 -12.71
N VAL A 66 11.17 1.23 -12.80
CA VAL A 66 11.23 2.41 -13.55
C VAL A 66 10.80 2.16 -14.95
N PRO A 67 10.07 3.08 -15.56
CA PRO A 67 9.80 4.38 -15.13
C PRO A 67 8.37 4.55 -14.50
N PHE A 68 7.73 3.47 -14.08
CA PHE A 68 6.37 3.56 -13.61
C PHE A 68 6.13 4.14 -12.27
N TYR A 69 7.05 3.97 -11.34
CA TYR A 69 6.93 4.43 -10.01
C TYR A 69 7.42 5.90 -9.91
N ALA A 70 6.66 6.77 -10.60
CA ALA A 70 7.02 8.14 -10.75
C ALA A 70 5.88 8.91 -11.34
N TYR A 71 5.94 10.19 -11.25
CA TYR A 71 4.94 11.05 -11.90
C TYR A 71 5.15 11.06 -13.40
N SER A 72 4.08 11.11 -14.15
CA SER A 72 4.23 11.35 -15.58
C SER A 72 4.26 12.79 -16.00
N LEU A 73 4.51 13.72 -15.11
CA LEU A 73 4.57 15.14 -15.44
C LEU A 73 5.92 15.40 -16.13
N PRO A 74 5.87 15.80 -17.40
CA PRO A 74 7.15 16.10 -18.14
C PRO A 74 8.15 17.01 -17.43
N GLU A 75 7.69 18.05 -16.75
CA GLU A 75 8.66 18.91 -16.05
C GLU A 75 9.40 18.18 -14.98
N VAL A 76 8.78 17.12 -14.45
CA VAL A 76 9.47 16.35 -13.45
C VAL A 76 10.40 15.31 -14.09
N TRP A 77 9.92 14.57 -15.05
CA TRP A 77 10.73 13.43 -15.51
C TRP A 77 11.89 13.95 -16.41
N GLN A 78 11.78 15.16 -16.91
CA GLN A 78 12.79 15.70 -17.85
C GLN A 78 14.16 15.50 -17.40
N SER A 79 14.46 15.94 -16.21
CA SER A 79 15.78 15.95 -15.70
C SER A 79 16.07 14.94 -14.73
N TRP A 80 15.20 14.05 -14.46
CA TRP A 80 15.54 13.13 -13.43
C TRP A 80 16.07 11.86 -14.09
N ASN A 81 16.98 11.15 -13.45
CA ASN A 81 17.45 9.82 -13.84
C ASN A 81 17.43 8.95 -12.61
N TRP A 82 17.12 7.66 -12.76
CA TRP A 82 17.06 6.71 -11.70
C TRP A 82 18.32 5.84 -11.80
N THR A 83 18.86 5.37 -10.70
CA THR A 83 20.12 4.63 -10.73
C THR A 83 19.83 3.14 -10.97
N GLU A 84 18.58 2.71 -10.72
CA GLU A 84 18.25 1.30 -10.84
C GLU A 84 16.74 1.05 -11.01
N LEU A 85 16.46 -0.16 -11.48
CA LEU A 85 15.14 -0.48 -11.90
C LEU A 85 14.12 -0.35 -10.76
N TYR A 86 14.59 -0.76 -9.61
CA TYR A 86 13.80 -0.73 -8.38
C TYR A 86 14.47 -0.01 -7.29
N PRO A 87 14.23 1.30 -7.27
CA PRO A 87 14.97 2.10 -6.29
C PRO A 87 14.57 1.98 -4.88
N ASN A 88 15.48 2.31 -4.02
CA ASN A 88 15.21 2.28 -2.61
C ASN A 88 14.69 3.58 -2.01
N GLN A 89 14.33 3.49 -0.75
CA GLN A 89 13.66 4.60 -0.04
C GLN A 89 14.47 5.88 -0.07
N LYS A 90 15.73 5.78 0.14
CA LYS A 90 16.57 7.02 0.06
C LYS A 90 16.53 7.63 -1.31
N GLU A 91 16.54 6.82 -2.37
CA GLU A 91 16.42 7.38 -3.64
C GLU A 91 15.01 7.92 -4.00
N ILE A 92 13.98 7.26 -3.54
CA ILE A 92 12.64 7.85 -3.65
C ILE A 92 12.51 9.18 -2.93
N LYS A 93 13.06 9.27 -1.76
CA LYS A 93 13.00 10.52 -0.99
C LYS A 93 13.82 11.62 -1.74
N SER A 94 14.93 11.24 -2.39
CA SER A 94 15.62 12.25 -3.17
C SER A 94 14.83 12.63 -4.43
N TYR A 95 13.98 11.75 -4.94
CA TYR A 95 13.07 12.18 -5.99
C TYR A 95 12.05 13.19 -5.54
N PHE A 96 11.49 12.98 -4.35
CA PHE A 96 10.61 13.99 -3.75
C PHE A 96 11.29 15.39 -3.56
N ASP A 97 12.54 15.35 -3.21
CA ASP A 97 13.35 16.64 -3.17
C ASP A 97 13.36 17.33 -4.56
N HIS A 98 13.55 16.53 -5.62
CA HIS A 98 13.46 16.97 -7.01
C HIS A 98 12.12 17.52 -7.39
N VAL A 99 11.03 16.81 -7.07
CA VAL A 99 9.67 17.31 -7.19
C VAL A 99 9.46 18.63 -6.53
N ASP A 100 10.01 18.80 -5.37
CA ASP A 100 9.85 20.10 -4.68
C ASP A 100 10.65 21.18 -5.40
N ARG A 101 11.85 20.85 -5.85
CA ARG A 101 12.58 21.88 -6.69
C ARG A 101 11.84 22.22 -7.94
N VAL A 102 11.20 21.28 -8.57
CA VAL A 102 10.50 21.56 -9.83
C VAL A 102 9.16 22.25 -9.64
N LEU A 103 8.38 21.73 -8.72
CA LEU A 103 6.97 22.14 -8.58
C LEU A 103 6.77 23.17 -7.48
N ASP A 104 7.69 23.33 -6.49
CA ASP A 104 7.64 24.30 -5.43
C ASP A 104 6.48 23.98 -4.46
N VAL A 105 6.63 22.88 -3.73
CA VAL A 105 5.61 22.23 -2.96
C VAL A 105 5.68 22.55 -1.47
N ARG A 106 6.87 22.54 -0.91
CA ARG A 106 7.08 22.72 0.49
C ARG A 106 6.53 24.01 1.10
N LYS A 107 6.61 25.10 0.33
CA LYS A 107 6.14 26.36 0.84
C LYS A 107 4.61 26.35 1.07
N ASP A 108 3.87 25.45 0.46
CA ASP A 108 2.39 25.33 0.74
C ASP A 108 2.03 24.11 1.60
N CYS A 109 3.00 23.55 2.28
CA CYS A 109 2.77 22.52 3.29
C CYS A 109 2.97 23.11 4.66
N LEU A 110 2.10 22.77 5.61
CA LEU A 110 2.30 22.96 7.00
C LEU A 110 2.62 21.65 7.62
N PHE A 111 3.83 21.53 8.08
CA PHE A 111 4.29 20.30 8.65
C PHE A 111 3.84 20.18 10.15
N HIS A 112 4.06 19.05 10.77
CA HIS A 112 3.66 18.78 12.15
C HIS A 112 2.20 19.30 12.40
N SER A 113 1.31 18.89 11.47
CA SER A 113 -0.06 19.33 11.41
C SER A 113 -0.92 18.07 11.20
N ARG A 114 -1.08 17.29 12.25
CA ARG A 114 -1.89 16.10 12.27
C ARG A 114 -3.33 16.39 12.49
N VAL A 115 -4.10 16.30 11.44
CA VAL A 115 -5.58 16.47 11.54
C VAL A 115 -6.22 15.45 12.49
N ASN A 116 -7.04 15.97 13.43
CA ASN A 116 -7.80 15.15 14.31
C ASN A 116 -9.29 15.47 14.43
N GLU A 117 -9.82 16.42 13.64
CA GLU A 117 -11.26 16.61 13.59
C GLU A 117 -11.59 17.36 12.25
N GLY A 118 -12.68 16.93 11.61
CA GLY A 118 -13.26 17.64 10.44
C GLY A 118 -14.76 17.66 10.60
N THR A 119 -15.43 18.84 10.40
CA THR A 119 -16.89 18.80 10.40
C THR A 119 -17.34 19.72 9.26
N PHE A 120 -18.45 19.37 8.63
CA PHE A 120 -18.91 20.09 7.42
C PHE A 120 -20.16 20.86 7.81
N ASP A 121 -20.27 22.04 7.33
CA ASP A 121 -21.50 22.86 7.61
C ASP A 121 -22.24 23.07 6.26
N GLU A 122 -23.39 22.42 6.13
CA GLU A 122 -24.20 22.48 4.90
C GLU A 122 -24.62 23.84 4.54
N ALA A 123 -24.82 24.71 5.51
CA ALA A 123 -25.25 26.08 5.18
C ALA A 123 -24.17 26.85 4.42
N THR A 124 -22.94 26.71 4.80
CA THR A 124 -21.83 27.46 4.19
C THR A 124 -21.21 26.61 3.13
N GLY A 125 -21.39 25.29 3.21
CA GLY A 125 -20.71 24.40 2.24
C GLY A 125 -19.18 24.31 2.45
N ARG A 126 -18.72 24.29 3.75
CA ARG A 126 -17.34 24.32 4.09
C ARG A 126 -17.08 23.37 5.25
N TRP A 127 -15.91 22.79 5.13
CA TRP A 127 -15.29 22.08 6.26
C TRP A 127 -14.55 22.97 7.21
N THR A 128 -14.52 22.54 8.47
CA THR A 128 -13.70 23.14 9.54
C THR A 128 -12.84 21.98 10.06
N VAL A 129 -11.55 22.14 10.03
CA VAL A 129 -10.60 21.05 10.28
C VAL A 129 -9.65 21.54 11.38
N TRP A 130 -9.34 20.68 12.31
CA TRP A 130 -8.47 21.01 13.44
C TRP A 130 -7.25 19.97 13.44
N THR A 131 -6.06 20.41 13.87
CA THR A 131 -4.91 19.54 14.12
C THR A 131 -4.75 19.29 15.68
N THR A 132 -3.92 18.31 16.02
CA THR A 132 -3.75 18.02 17.32
C THR A 132 -3.12 19.14 18.14
N ASP A 133 -2.27 19.94 17.48
CA ASP A 133 -1.58 20.99 18.17
C ASP A 133 -2.44 22.30 18.16
N GLY A 134 -3.69 22.25 17.71
CA GLY A 134 -4.56 23.37 17.79
C GLY A 134 -4.71 24.23 16.49
N LYS A 135 -4.08 23.91 15.38
CA LYS A 135 -4.32 24.63 14.12
C LYS A 135 -5.77 24.41 13.72
N VAL A 136 -6.34 25.45 13.08
CA VAL A 136 -7.72 25.31 12.59
C VAL A 136 -7.82 26.06 11.22
N ALA A 137 -8.42 25.36 10.30
CA ALA A 137 -8.66 25.84 8.87
C ALA A 137 -10.04 25.58 8.42
N THR A 138 -10.50 26.38 7.45
CA THR A 138 -11.76 26.12 6.84
C THR A 138 -11.47 25.96 5.31
N ALA A 139 -12.24 25.17 4.63
CA ALA A 139 -12.07 24.93 3.23
C ALA A 139 -13.29 24.44 2.56
N LYS A 140 -13.56 24.84 1.31
CA LYS A 140 -14.66 24.21 0.64
C LYS A 140 -14.47 22.73 0.33
N TYR A 141 -13.29 22.34 -0.15
CA TYR A 141 -12.94 20.95 -0.51
C TYR A 141 -11.92 20.34 0.49
N LEU A 142 -12.14 19.11 0.83
CA LEU A 142 -11.26 18.42 1.75
C LEU A 142 -10.69 17.19 0.98
N LEU A 143 -9.39 17.12 0.71
CA LEU A 143 -8.80 16.04 -0.06
C LEU A 143 -8.02 15.21 1.00
N VAL A 144 -8.48 14.02 1.26
CA VAL A 144 -7.94 13.18 2.33
C VAL A 144 -6.98 12.17 1.67
N ALA A 145 -5.70 12.49 1.75
CA ALA A 145 -4.69 11.73 0.97
C ALA A 145 -3.73 11.07 1.97
N VAL A 146 -4.27 10.34 2.90
CA VAL A 146 -3.55 9.66 3.98
C VAL A 146 -3.03 8.29 3.72
N GLY A 147 -3.23 7.81 2.52
CA GLY A 147 -2.66 6.52 2.21
C GLY A 147 -3.12 5.36 3.23
N PHE A 148 -2.13 4.53 3.65
CA PHE A 148 -2.25 3.42 4.64
C PHE A 148 -1.30 3.68 5.75
N ALA A 149 -1.78 3.81 6.93
CA ALA A 149 -0.90 4.00 8.08
C ALA A 149 -0.14 2.70 8.42
N SER A 150 0.84 2.85 9.27
CA SER A 150 1.53 1.71 9.89
C SER A 150 0.72 1.12 10.92
N LYS A 151 0.91 -0.18 11.13
CA LYS A 151 0.16 -0.83 12.14
C LYS A 151 0.96 -0.66 13.46
N SER A 152 0.47 0.12 14.35
CA SER A 152 1.24 0.35 15.58
C SER A 152 0.63 -0.66 16.63
N TYR A 153 1.15 -1.88 16.53
CA TYR A 153 0.70 -2.97 17.41
C TYR A 153 1.94 -3.66 17.97
N LEU A 154 2.10 -3.70 19.31
CA LEU A 154 3.21 -4.33 20.05
C LEU A 154 2.58 -5.52 20.81
N PRO A 155 2.75 -6.78 20.33
CA PRO A 155 2.04 -7.90 21.03
C PRO A 155 2.41 -8.01 22.55
N ASP A 156 1.44 -8.44 23.34
CA ASP A 156 1.56 -8.54 24.77
C ASP A 156 2.48 -9.68 25.13
N TRP A 157 3.73 -9.70 24.71
CA TRP A 157 4.58 -10.83 25.14
C TRP A 157 5.08 -10.55 26.56
N LYS A 158 5.20 -11.54 27.38
CA LYS A 158 5.70 -11.35 28.74
C LYS A 158 7.22 -11.11 28.68
N GLY A 159 7.78 -10.31 29.58
CA GLY A 159 9.20 -10.21 29.69
C GLY A 159 9.90 -9.21 28.77
N LEU A 160 9.17 -8.42 28.00
CA LEU A 160 9.87 -7.50 27.08
C LEU A 160 10.62 -6.49 27.78
N ASP A 161 10.11 -6.07 28.94
CA ASP A 161 10.89 -5.12 29.68
C ASP A 161 12.10 -5.71 30.28
N SER A 162 12.27 -7.01 30.30
CA SER A 162 13.50 -7.60 30.85
C SER A 162 14.66 -7.78 29.78
N PHE A 163 14.36 -7.46 28.53
CA PHE A 163 15.21 -7.88 27.41
C PHE A 163 16.40 -7.02 27.53
N LYS A 164 17.59 -7.58 27.36
CA LYS A 164 18.75 -6.76 27.49
C LYS A 164 19.15 -6.06 26.25
N GLY A 165 18.68 -6.44 25.08
CA GLY A 165 19.04 -5.74 23.88
C GLY A 165 17.97 -4.68 23.53
N THR A 166 17.75 -4.43 22.26
CA THR A 166 16.85 -3.37 21.81
C THR A 166 15.81 -3.90 20.86
N ILE A 167 14.63 -3.29 20.84
CA ILE A 167 13.49 -3.69 20.03
C ILE A 167 13.16 -2.52 19.21
N TYR A 168 13.16 -2.67 17.89
CA TYR A 168 12.71 -1.64 16.94
C TYR A 168 11.44 -2.02 16.30
N HIS A 169 10.63 -1.01 16.02
CA HIS A 169 9.22 -1.30 15.64
C HIS A 169 9.11 -0.66 14.31
N SER A 170 8.81 -1.37 13.20
CA SER A 170 8.84 -0.69 11.85
C SER A 170 7.59 0.34 11.80
N ALA A 171 6.61 0.40 12.76
CA ALA A 171 5.80 1.70 13.04
C ALA A 171 6.62 2.97 13.59
N HIS A 172 7.95 2.88 13.77
CA HIS A 172 8.70 4.11 14.13
C HIS A 172 10.20 3.75 14.03
N TRP A 173 10.72 3.59 12.85
CA TRP A 173 12.07 3.17 12.65
C TRP A 173 13.03 4.40 12.86
N PRO A 174 14.09 4.23 13.67
CA PRO A 174 15.03 5.38 13.84
C PRO A 174 15.62 5.86 12.51
N GLU A 175 16.14 7.05 12.59
CA GLU A 175 16.80 7.68 11.47
C GLU A 175 17.66 8.54 12.28
N ALA A 176 18.61 9.16 11.62
CA ALA A 176 19.73 9.78 12.31
C ALA A 176 20.84 8.82 12.07
N GLU A 177 20.69 7.55 12.46
CA GLU A 177 21.83 6.66 12.41
C GLU A 177 21.38 5.25 12.18
N GLU A 178 22.01 4.61 11.20
CA GLU A 178 21.76 3.20 10.89
C GLU A 178 22.02 2.30 12.05
N ILE A 179 21.16 1.32 12.20
CA ILE A 179 21.39 0.33 13.23
C ILE A 179 22.35 -0.68 12.66
N SER A 180 23.51 -0.82 13.23
CA SER A 180 24.46 -1.83 12.79
C SER A 180 24.19 -3.23 13.39
N VAL A 181 24.25 -4.25 12.55
CA VAL A 181 24.07 -5.62 12.94
C VAL A 181 25.31 -6.45 12.89
N LYS A 182 26.43 -5.85 12.50
CA LYS A 182 27.70 -6.60 12.45
C LYS A 182 27.99 -7.14 13.81
N GLY A 183 28.25 -8.41 13.91
CA GLY A 183 28.58 -8.96 15.27
C GLY A 183 27.37 -9.19 16.20
N LYS A 184 26.13 -8.94 15.69
CA LYS A 184 24.96 -9.04 16.49
C LYS A 184 24.10 -10.23 16.07
N LYS A 185 23.35 -10.73 17.03
CA LYS A 185 22.33 -11.77 16.76
C LYS A 185 21.01 -11.00 16.63
N VAL A 186 20.29 -11.21 15.55
CA VAL A 186 19.07 -10.42 15.27
C VAL A 186 17.85 -11.32 15.02
N ALA A 187 16.66 -10.77 15.27
CA ALA A 187 15.37 -11.45 14.93
C ALA A 187 14.49 -10.49 14.16
N VAL A 188 13.81 -10.91 13.09
CA VAL A 188 12.76 -10.19 12.46
C VAL A 188 11.46 -10.98 12.79
N ILE A 189 10.44 -10.28 13.27
CA ILE A 189 9.14 -10.91 13.56
C ILE A 189 8.17 -10.35 12.56
N GLY A 190 7.73 -11.16 11.61
CA GLY A 190 6.80 -10.77 10.60
C GLY A 190 7.37 -11.02 9.21
N THR A 191 6.54 -11.51 8.28
CA THR A 191 6.94 -11.92 6.94
C THR A 191 6.14 -11.26 5.83
N GLY A 192 5.64 -10.04 6.06
CA GLY A 192 5.10 -9.24 4.96
C GLY A 192 6.31 -8.67 4.21
N SER A 193 6.08 -7.75 3.27
CA SER A 193 7.22 -7.14 2.55
C SER A 193 8.18 -6.48 3.40
N THR A 194 7.71 -5.83 4.45
CA THR A 194 8.64 -5.14 5.38
C THR A 194 9.61 -6.19 6.00
N GLY A 195 9.04 -7.24 6.55
CA GLY A 195 9.89 -8.30 7.13
C GLY A 195 10.88 -8.93 6.15
N ILE A 196 10.45 -9.19 4.93
CA ILE A 196 11.26 -9.79 3.91
C ILE A 196 12.42 -8.85 3.59
N GLN A 197 12.11 -7.53 3.36
CA GLN A 197 13.13 -6.57 3.13
C GLN A 197 14.13 -6.38 4.27
N ILE A 198 13.68 -6.29 5.48
CA ILE A 198 14.62 -6.11 6.59
C ILE A 198 15.45 -7.36 6.71
N PHE A 199 14.80 -8.51 6.65
CA PHE A 199 15.57 -9.79 6.83
C PHE A 199 16.62 -9.99 5.81
N GLN A 200 16.31 -9.77 4.54
CA GLN A 200 17.38 -9.78 3.49
C GLN A 200 18.54 -8.91 3.77
N GLU A 201 18.33 -7.64 4.22
CA GLU A 201 19.46 -6.86 4.58
C GLU A 201 20.19 -7.42 5.74
N TRP A 202 19.46 -7.80 6.80
CA TRP A 202 20.16 -8.16 8.05
C TRP A 202 20.82 -9.58 8.03
N ALA A 203 20.19 -10.50 7.34
CA ALA A 203 20.74 -11.83 7.19
C ALA A 203 22.07 -11.79 6.52
N ARG A 204 22.30 -10.85 5.64
CA ARG A 204 23.65 -10.72 5.02
C ARG A 204 24.79 -10.38 5.98
N GLU A 205 24.53 -9.62 7.03
CA GLU A 205 25.61 -9.07 7.83
C GLU A 205 25.64 -9.44 9.30
N ALA A 206 24.56 -10.01 9.84
CA ALA A 206 24.49 -10.21 11.19
C ALA A 206 25.26 -11.44 11.53
N GLU A 207 25.72 -11.54 12.77
CA GLU A 207 26.43 -12.76 13.13
C GLU A 207 25.48 -13.96 13.14
N GLU A 208 24.23 -13.76 13.54
CA GLU A 208 23.16 -14.73 13.45
C GLU A 208 21.75 -14.06 13.25
N ALA A 209 20.83 -14.69 12.53
CA ALA A 209 19.57 -14.02 12.09
C ALA A 209 18.46 -15.01 12.14
N PHE A 210 17.38 -14.69 12.82
CA PHE A 210 16.22 -15.50 12.98
C PHE A 210 15.03 -14.74 12.35
N LEU A 211 14.29 -15.41 11.49
CA LEU A 211 13.04 -14.92 10.99
C LEU A 211 11.90 -15.76 11.62
N PHE A 212 11.02 -15.07 12.26
CA PHE A 212 9.86 -15.66 12.91
C PHE A 212 8.66 -15.51 12.01
N GLN A 213 8.21 -16.65 11.54
CA GLN A 213 7.22 -16.71 10.48
C GLN A 213 5.98 -17.57 10.91
N ARG A 214 4.85 -16.94 10.85
CA ARG A 214 3.56 -17.56 10.99
C ARG A 214 2.99 -18.12 9.71
N THR A 215 3.02 -17.44 8.60
CA THR A 215 2.59 -17.94 7.29
C THR A 215 3.60 -17.60 6.29
N PRO A 216 3.90 -18.49 5.37
CA PRO A 216 4.84 -18.08 4.34
C PRO A 216 4.38 -17.03 3.37
N ASN A 217 5.30 -16.20 2.92
CA ASN A 217 5.01 -15.22 1.92
C ASN A 217 5.39 -15.69 0.51
N LEU A 218 4.48 -15.59 -0.46
CA LEU A 218 4.78 -16.11 -1.71
C LEU A 218 5.47 -15.08 -2.55
N CYS A 219 6.74 -14.95 -2.39
CA CYS A 219 7.60 -13.82 -2.99
C CYS A 219 8.02 -14.10 -4.43
N LEU A 220 8.05 -13.08 -5.31
CA LEU A 220 8.41 -13.23 -6.64
C LEU A 220 9.89 -12.63 -6.79
N PRO A 221 10.66 -13.07 -7.74
CA PRO A 221 12.01 -12.55 -7.92
C PRO A 221 11.98 -11.20 -8.54
N MET A 222 12.74 -10.25 -7.99
CA MET A 222 12.73 -8.82 -8.53
C MET A 222 13.38 -8.66 -9.87
N ARG A 223 14.56 -9.31 -10.04
CA ARG A 223 15.45 -9.09 -11.24
C ARG A 223 15.94 -7.61 -11.29
N GLN A 224 16.54 -7.15 -10.22
CA GLN A 224 17.05 -5.78 -10.13
C GLN A 224 18.03 -5.53 -11.26
N GLN A 225 18.13 -4.32 -11.78
CA GLN A 225 19.18 -3.97 -12.72
C GLN A 225 19.60 -2.55 -12.50
N GLU A 226 20.87 -2.24 -12.76
CA GLU A 226 21.36 -0.83 -12.67
C GLU A 226 20.85 -0.12 -13.92
N LEU A 227 20.55 1.16 -13.88
CA LEU A 227 20.12 1.90 -15.05
C LEU A 227 21.25 3.00 -15.26
N HIS A 228 21.26 3.63 -16.42
CA HIS A 228 22.28 4.64 -16.72
C HIS A 228 21.66 5.87 -17.24
N ALA A 229 22.35 6.98 -17.04
CA ALA A 229 21.97 8.21 -17.73
C ALA A 229 22.26 8.07 -19.28
N ALA A 240 6.68 10.09 -23.30
CA ALA A 240 5.25 10.40 -23.23
C ALA A 240 4.31 9.31 -23.83
N ASP A 241 4.51 8.93 -25.08
CA ASP A 241 3.63 7.92 -25.71
C ASP A 241 3.66 6.54 -24.98
N TYR A 242 4.84 6.20 -24.47
CA TYR A 242 5.04 4.96 -23.81
C TYR A 242 4.36 4.98 -22.47
N LEU A 243 4.44 6.10 -21.74
CA LEU A 243 3.78 6.22 -20.39
C LEU A 243 2.28 6.21 -20.65
N ALA A 244 1.86 6.89 -21.72
CA ALA A 244 0.46 6.88 -22.16
C ALA A 244 -0.09 5.43 -22.51
N GLU A 245 0.57 4.62 -23.34
CA GLU A 245 0.04 3.29 -23.67
C GLU A 245 0.02 2.38 -22.37
N CYS A 246 1.02 2.44 -21.47
CA CYS A 246 1.05 1.55 -20.25
C CYS A 246 -0.07 1.91 -19.28
N ALA A 247 -0.41 3.17 -19.29
CA ALA A 247 -1.52 3.72 -18.48
C ALA A 247 -2.89 3.07 -18.80
N LEU A 248 -2.99 2.42 -20.02
CA LEU A 248 -4.20 1.78 -20.49
C LEU A 248 -4.32 0.31 -20.10
N THR A 249 -3.33 -0.25 -19.42
CA THR A 249 -3.40 -1.63 -18.95
C THR A 249 -4.20 -1.85 -17.66
N PHE A 250 -4.43 -3.12 -17.37
CA PHE A 250 -5.24 -3.51 -16.23
C PHE A 250 -4.77 -2.80 -14.90
N GLY A 251 -3.47 -2.76 -14.71
CA GLY A 251 -2.82 -2.36 -13.45
C GLY A 251 -1.93 -1.17 -13.69
N GLY A 252 -1.89 -0.69 -14.92
CA GLY A 252 -0.94 0.32 -15.29
C GLY A 252 0.54 0.01 -15.49
N LEU A 253 0.89 -1.26 -15.46
CA LEU A 253 2.21 -1.69 -15.80
C LEU A 253 2.24 -1.78 -17.29
N GLU A 254 3.41 -2.22 -17.76
CA GLU A 254 3.65 -2.29 -19.15
C GLU A 254 2.85 -3.40 -19.81
N TYR A 255 2.39 -4.37 -19.05
CA TYR A 255 1.71 -5.57 -19.63
C TYR A 255 0.37 -5.84 -18.81
N GLN A 256 -0.43 -6.78 -19.24
CA GLN A 256 -1.55 -7.29 -18.44
C GLN A 256 -1.71 -8.73 -18.73
N GLN A 257 -2.82 -9.29 -18.38
CA GLN A 257 -2.93 -10.74 -18.44
C GLN A 257 -2.78 -11.29 -19.88
N THR A 258 -2.27 -12.51 -19.98
CA THR A 258 -2.15 -13.21 -21.24
C THR A 258 -3.53 -13.85 -21.53
N PRO A 259 -4.08 -13.57 -22.75
CA PRO A 259 -5.48 -13.82 -22.96
C PRO A 259 -5.70 -15.29 -23.39
N LYS A 260 -5.30 -16.22 -22.52
CA LYS A 260 -5.42 -17.60 -22.82
C LYS A 260 -5.69 -18.33 -21.48
N ASN A 261 -6.45 -19.41 -21.52
CA ASN A 261 -6.62 -20.24 -20.37
C ASN A 261 -5.49 -21.19 -20.14
N THR A 262 -5.19 -21.39 -18.90
CA THR A 262 -4.07 -22.17 -18.47
C THR A 262 -4.12 -23.53 -19.14
N PHE A 263 -5.24 -24.26 -19.04
CA PHE A 263 -5.25 -25.61 -19.59
C PHE A 263 -5.53 -25.70 -21.09
N ASP A 264 -5.75 -24.59 -21.76
CA ASP A 264 -5.63 -24.57 -23.23
C ASP A 264 -4.18 -24.67 -23.78
N ALA A 265 -3.19 -24.42 -22.92
CA ALA A 265 -1.81 -24.65 -23.26
C ALA A 265 -1.39 -26.04 -22.82
N SER A 266 -0.42 -26.66 -23.48
CA SER A 266 0.06 -27.98 -23.00
C SER A 266 0.97 -27.72 -21.83
N GLU A 267 1.33 -28.78 -21.15
CA GLU A 267 2.18 -28.67 -19.96
C GLU A 267 3.56 -28.05 -20.25
N GLU A 268 4.16 -28.49 -21.36
CA GLU A 268 5.44 -27.97 -21.74
C GLU A 268 5.36 -26.50 -22.17
N GLU A 269 4.32 -26.18 -22.86
CA GLU A 269 4.12 -24.75 -23.21
C GLU A 269 3.97 -23.87 -21.89
N ARG A 270 3.14 -24.36 -20.96
CA ARG A 270 3.06 -23.67 -19.65
C ARG A 270 4.40 -23.49 -19.01
N GLU A 271 5.20 -24.55 -18.92
CA GLU A 271 6.47 -24.47 -18.25
C GLU A 271 7.34 -23.41 -18.90
N ALA A 272 7.36 -23.35 -20.23
CA ALA A 272 8.27 -22.45 -20.93
C ALA A 272 7.74 -20.98 -20.75
N PHE A 273 6.43 -20.83 -20.74
CA PHE A 273 5.78 -19.49 -20.56
C PHE A 273 6.09 -19.02 -19.12
N TRP A 274 5.88 -19.86 -18.14
CA TRP A 274 6.21 -19.46 -16.75
C TRP A 274 7.71 -19.20 -16.50
N GLU A 275 8.61 -19.95 -17.19
CA GLU A 275 10.02 -19.71 -16.99
C GLU A 275 10.32 -18.33 -17.59
N ASP A 276 9.68 -17.98 -18.69
CA ASP A 276 9.92 -16.64 -19.27
C ASP A 276 9.43 -15.52 -18.29
N LEU A 277 8.21 -15.66 -17.77
CA LEU A 277 7.78 -14.74 -16.76
C LEU A 277 8.72 -14.57 -15.58
N TYR A 278 9.18 -15.71 -15.06
CA TYR A 278 10.01 -15.78 -13.89
C TYR A 278 11.36 -15.19 -14.18
N GLN A 279 11.88 -15.31 -15.41
CA GLN A 279 13.11 -14.69 -15.71
C GLN A 279 12.99 -13.18 -15.93
N MET A 280 11.95 -12.73 -16.58
CA MET A 280 11.71 -11.29 -16.64
C MET A 280 11.53 -10.70 -15.24
N GLY A 281 10.85 -11.41 -14.34
CA GLY A 281 10.73 -11.03 -12.94
C GLY A 281 9.67 -9.94 -12.68
N GLY A 282 9.79 -9.39 -11.47
CA GLY A 282 8.89 -8.44 -10.97
C GLY A 282 7.48 -9.03 -10.95
N PHE A 283 6.50 -8.24 -11.35
CA PHE A 283 5.06 -8.68 -11.33
C PHE A 283 4.66 -9.45 -12.58
N ARG A 284 5.57 -9.86 -13.43
CA ARG A 284 5.15 -10.65 -14.64
C ARG A 284 4.31 -11.88 -14.28
N PHE A 285 4.77 -12.63 -13.29
CA PHE A 285 4.10 -13.87 -12.90
C PHE A 285 2.71 -13.58 -12.34
N TRP A 286 2.52 -12.40 -11.76
CA TRP A 286 1.22 -12.05 -11.16
C TRP A 286 0.27 -11.48 -12.16
N GLN A 287 0.77 -10.55 -12.95
CA GLN A 287 -0.15 -9.73 -13.85
C GLN A 287 0.07 -9.93 -15.34
N ASN A 288 0.96 -10.81 -15.77
CA ASN A 288 1.11 -11.14 -17.19
C ASN A 288 0.78 -12.68 -17.39
N ASN A 289 0.19 -13.29 -16.38
CA ASN A 289 -0.08 -14.78 -16.44
C ASN A 289 -1.38 -15.10 -17.18
N TYR A 290 -1.69 -16.36 -17.22
CA TYR A 290 -2.90 -16.80 -17.86
C TYR A 290 -4.14 -16.07 -17.26
N GLN A 291 -5.07 -15.80 -18.10
CA GLN A 291 -6.25 -15.08 -17.71
C GLN A 291 -7.14 -15.70 -16.66
N ASP A 292 -6.95 -16.97 -16.36
CA ASP A 292 -7.71 -17.67 -15.39
C ASP A 292 -6.90 -18.01 -14.11
N LEU A 293 -5.75 -17.40 -13.98
CA LEU A 293 -4.93 -17.52 -12.78
C LEU A 293 -5.76 -17.30 -11.48
N LEU A 294 -6.52 -16.21 -11.48
CA LEU A 294 -7.28 -15.87 -10.29
C LEU A 294 -8.78 -16.26 -10.35
N THR A 295 -9.25 -16.97 -11.34
CA THR A 295 -10.59 -17.42 -11.44
C THR A 295 -10.82 -18.90 -11.38
N SER A 296 -9.77 -19.76 -11.46
CA SER A 296 -9.97 -21.17 -11.52
C SER A 296 -9.05 -21.69 -10.47
N LEU A 297 -9.53 -22.47 -9.56
CA LEU A 297 -8.62 -22.96 -8.50
C LEU A 297 -7.55 -23.92 -9.03
N ASP A 298 -7.93 -24.72 -10.02
CA ASP A 298 -6.94 -25.66 -10.63
C ASP A 298 -5.85 -24.90 -11.43
N ALA A 299 -6.23 -23.89 -12.22
CA ALA A 299 -5.24 -23.11 -12.92
C ALA A 299 -4.32 -22.46 -11.96
N ASN A 300 -4.89 -21.94 -10.90
CA ASN A 300 -4.11 -21.27 -9.87
C ASN A 300 -3.11 -22.21 -9.26
N ARG A 301 -3.58 -23.40 -8.88
CA ARG A 301 -2.68 -24.37 -8.21
C ARG A 301 -1.51 -24.77 -9.19
N GLU A 302 -1.74 -24.86 -10.48
CA GLU A 302 -0.64 -25.23 -11.41
C GLU A 302 0.42 -24.20 -11.46
N ALA A 303 -0.02 -22.94 -11.43
CA ALA A 303 0.93 -21.80 -11.28
C ALA A 303 1.71 -21.85 -9.98
N TYR A 304 1.00 -22.10 -8.93
CA TYR A 304 1.64 -22.18 -7.63
C TYR A 304 2.66 -23.30 -7.66
N ASN A 305 2.29 -24.45 -8.21
CA ASN A 305 3.22 -25.55 -8.19
C ASN A 305 4.54 -25.21 -8.87
N PHE A 306 4.46 -24.43 -9.93
CA PHE A 306 5.66 -23.84 -10.55
C PHE A 306 6.47 -23.01 -9.64
N TRP A 307 5.84 -22.06 -8.96
CA TRP A 307 6.49 -21.17 -8.07
C TRP A 307 7.19 -21.99 -7.00
N ALA A 308 6.51 -22.98 -6.48
CA ALA A 308 7.10 -23.76 -5.37
C ALA A 308 8.26 -24.53 -5.87
N ARG A 309 8.21 -25.04 -7.07
CA ARG A 309 9.33 -25.83 -7.59
C ARG A 309 10.58 -24.92 -7.69
N LYS A 310 10.43 -23.77 -8.30
CA LYS A 310 11.53 -22.81 -8.42
C LYS A 310 12.06 -22.33 -7.12
N THR A 311 11.19 -22.10 -6.12
CA THR A 311 11.59 -21.54 -4.88
C THR A 311 12.32 -22.59 -3.95
N ARG A 312 11.75 -23.77 -3.94
CA ARG A 312 12.34 -24.87 -3.16
C ARG A 312 13.71 -25.28 -3.67
N ALA A 313 13.94 -25.21 -4.99
CA ALA A 313 15.22 -25.49 -5.67
C ALA A 313 16.29 -24.59 -5.15
N ARG A 314 15.96 -23.42 -4.64
CA ARG A 314 16.94 -22.49 -4.14
C ARG A 314 17.31 -22.77 -2.66
N ILE A 315 16.61 -23.65 -1.98
CA ILE A 315 16.76 -23.79 -0.55
C ILE A 315 17.31 -25.24 -0.32
N GLN A 316 18.42 -25.30 0.30
CA GLN A 316 19.13 -26.59 0.55
C GLN A 316 18.53 -27.39 1.67
N ASP A 317 18.05 -26.84 2.78
CA ASP A 317 17.64 -27.70 3.90
C ASP A 317 16.16 -28.06 3.76
N PRO A 318 15.81 -29.37 3.76
CA PRO A 318 14.41 -29.75 3.53
C PRO A 318 13.38 -29.13 4.55
N LYS A 319 13.80 -28.90 5.81
CA LYS A 319 12.94 -28.37 6.82
C LYS A 319 12.62 -26.88 6.50
N LYS A 320 13.66 -26.14 6.10
CA LYS A 320 13.51 -24.76 5.70
C LYS A 320 12.69 -24.64 4.47
N ARG A 321 12.91 -25.52 3.51
CA ARG A 321 12.17 -25.55 2.31
C ARG A 321 10.68 -25.71 2.49
N ASP A 322 10.31 -26.60 3.43
CA ASP A 322 8.89 -26.90 3.60
C ASP A 322 8.20 -25.74 4.37
N LEU A 323 8.96 -25.00 5.17
CA LEU A 323 8.37 -23.80 5.85
C LEU A 323 8.24 -22.61 4.94
N LEU A 324 9.24 -22.42 4.08
CA LEU A 324 9.22 -21.27 3.22
C LEU A 324 8.40 -21.44 1.97
N ALA A 325 8.33 -22.67 1.44
CA ALA A 325 7.68 -22.86 0.14
C ALA A 325 7.04 -24.24 0.17
N PRO A 326 5.99 -24.42 1.00
CA PRO A 326 5.26 -25.71 1.08
C PRO A 326 4.71 -26.20 -0.24
N LEU A 327 4.69 -27.52 -0.40
CA LEU A 327 4.11 -28.09 -1.58
C LEU A 327 2.58 -27.77 -1.70
N GLU A 328 1.91 -27.64 -0.56
CA GLU A 328 0.49 -27.18 -0.52
C GLU A 328 0.42 -25.75 -0.25
N PRO A 329 -0.29 -25.00 -1.11
CA PRO A 329 -0.18 -23.62 -0.91
C PRO A 329 -0.86 -23.09 0.37
N PRO A 330 -0.36 -22.04 0.94
CA PRO A 330 -0.97 -21.47 2.16
C PRO A 330 -2.23 -20.61 1.83
N TYR A 331 -2.33 -20.08 0.61
CA TYR A 331 -3.46 -19.30 0.11
C TYR A 331 -3.30 -19.27 -1.43
N PRO A 332 -4.33 -18.87 -2.15
CA PRO A 332 -4.23 -18.85 -3.61
C PRO A 332 -3.24 -17.77 -4.01
N PHE A 333 -2.33 -18.15 -4.85
CA PHE A 333 -1.29 -17.25 -5.28
C PHE A 333 -1.93 -16.07 -6.09
N GLY A 334 -1.47 -14.88 -5.79
CA GLY A 334 -1.94 -13.73 -6.54
C GLY A 334 -3.17 -13.04 -5.98
N THR A 335 -3.72 -13.58 -4.89
CA THR A 335 -4.90 -12.98 -4.28
C THR A 335 -4.51 -11.80 -3.37
N LYS A 336 -3.21 -11.66 -3.15
CA LYS A 336 -2.61 -10.55 -2.46
C LYS A 336 -1.52 -10.04 -3.37
N ARG A 337 -1.16 -8.78 -3.21
CA ARG A 337 0.00 -8.18 -3.92
C ARG A 337 1.25 -8.90 -3.46
N PRO A 338 1.95 -9.59 -4.34
CA PRO A 338 3.09 -10.35 -3.86
C PRO A 338 4.28 -9.48 -3.49
N SER A 339 5.09 -9.93 -2.58
CA SER A 339 6.29 -9.27 -2.24
C SER A 339 7.30 -9.65 -3.27
N LEU A 340 8.28 -8.81 -3.53
CA LEU A 340 9.40 -9.15 -4.29
C LEU A 340 10.65 -9.44 -3.44
N GLU A 341 11.56 -10.22 -4.03
CA GLU A 341 12.78 -10.45 -3.38
C GLU A 341 13.92 -10.59 -4.35
N GLN A 342 15.13 -10.38 -3.79
CA GLN A 342 16.39 -10.52 -4.60
C GLN A 342 17.10 -11.80 -4.18
N ASP A 343 17.54 -11.88 -2.96
CA ASP A 343 18.32 -13.10 -2.57
C ASP A 343 17.90 -13.64 -1.25
N PHE A 344 16.61 -13.52 -0.99
CA PHE A 344 16.05 -13.89 0.31
C PHE A 344 16.24 -15.35 0.61
N TYR A 345 15.88 -16.18 -0.33
CA TYR A 345 15.80 -17.63 -0.09
C TYR A 345 17.22 -18.22 0.11
N GLU A 346 18.19 -17.62 -0.57
CA GLU A 346 19.59 -18.00 -0.43
C GLU A 346 20.17 -17.70 0.92
N GLN A 347 19.60 -16.72 1.60
CA GLN A 347 20.13 -16.44 2.89
C GLN A 347 20.01 -17.65 3.80
N PHE A 348 18.95 -18.42 3.62
CA PHE A 348 18.75 -19.49 4.51
C PHE A 348 19.74 -20.71 4.32
N ASN A 349 20.51 -20.66 3.28
CA ASN A 349 21.54 -21.70 3.13
C ASN A 349 22.76 -21.48 3.96
N LYS A 350 22.84 -20.37 4.67
CA LYS A 350 23.91 -20.14 5.65
C LYS A 350 23.58 -20.82 6.90
N SER A 351 24.60 -21.26 7.65
CA SER A 351 24.35 -22.04 8.92
C SER A 351 23.86 -21.16 10.09
N ASN A 352 24.11 -19.90 10.03
CA ASN A 352 23.64 -19.03 11.09
C ASN A 352 22.36 -18.24 10.77
N VAL A 353 21.64 -18.64 9.72
CA VAL A 353 20.38 -18.04 9.30
C VAL A 353 19.25 -19.04 9.49
N HIS A 354 18.27 -18.71 10.31
CA HIS A 354 17.20 -19.61 10.80
C HIS A 354 15.81 -19.07 10.52
N ILE A 355 14.89 -20.02 10.40
CA ILE A 355 13.47 -19.75 10.15
C ILE A 355 12.74 -20.44 11.22
N VAL A 356 11.98 -19.65 12.05
CA VAL A 356 11.25 -20.21 13.14
C VAL A 356 9.76 -20.18 12.88
N ASP A 357 9.14 -21.31 13.03
CA ASP A 357 7.71 -21.52 12.71
C ASP A 357 6.86 -21.17 13.86
N THR A 358 6.25 -20.04 13.80
CA THR A 358 5.45 -19.55 14.98
C THR A 358 3.96 -19.94 14.86
N LYS A 359 3.56 -20.58 13.75
CA LYS A 359 2.24 -21.11 13.66
C LYS A 359 2.17 -22.30 14.64
N SER A 360 3.15 -23.18 14.59
CA SER A 360 3.28 -24.30 15.42
C SER A 360 3.64 -23.87 16.83
N GLN A 361 4.69 -23.02 16.95
CA GLN A 361 5.24 -22.73 18.31
C GLN A 361 5.26 -21.24 18.50
N PRO A 362 4.13 -20.66 18.92
CA PRO A 362 4.11 -19.20 19.04
C PRO A 362 5.11 -18.66 20.05
N ILE A 363 5.43 -17.39 19.81
CA ILE A 363 6.28 -16.66 20.73
C ILE A 363 5.46 -16.49 22.02
N VAL A 364 6.00 -16.91 23.18
CA VAL A 364 5.26 -16.78 24.45
C VAL A 364 5.95 -15.86 25.44
N GLY A 365 7.04 -15.19 25.05
CA GLY A 365 7.80 -14.47 25.96
C GLY A 365 9.15 -14.02 25.49
N VAL A 366 9.76 -13.09 26.22
CA VAL A 366 11.12 -12.64 25.98
C VAL A 366 11.80 -12.72 27.31
N THR A 367 13.00 -13.16 27.33
CA THR A 367 13.85 -13.17 28.51
C THR A 367 14.94 -12.10 28.35
N PRO A 368 15.81 -12.01 29.34
CA PRO A 368 16.95 -11.10 29.08
C PRO A 368 17.79 -11.39 27.83
N THR A 369 17.94 -12.65 27.43
CA THR A 369 18.84 -12.91 26.32
C THR A 369 18.15 -13.25 25.01
N GLY A 370 16.85 -13.43 25.03
CA GLY A 370 16.12 -13.80 23.81
C GLY A 370 14.63 -14.07 23.83
N ILE A 371 14.16 -14.61 22.73
CA ILE A 371 12.83 -14.92 22.43
C ILE A 371 12.46 -16.32 22.77
N VAL A 372 11.35 -16.50 23.46
CA VAL A 372 10.91 -17.80 23.88
C VAL A 372 9.66 -18.19 23.17
N THR A 373 9.69 -19.37 22.51
CA THR A 373 8.58 -19.94 21.84
C THR A 373 7.80 -20.96 22.71
N ALA A 374 6.62 -21.38 22.28
CA ALA A 374 5.69 -22.23 23.13
C ALA A 374 6.26 -23.56 23.52
N ASP A 375 7.24 -24.02 22.79
CA ASP A 375 7.99 -25.22 23.13
C ASP A 375 9.12 -25.00 24.12
N GLU A 376 9.17 -23.80 24.66
CA GLU A 376 10.16 -23.40 25.60
C GLU A 376 11.56 -23.27 25.03
N LYS A 377 11.73 -23.26 23.75
CA LYS A 377 13.03 -22.98 23.15
C LYS A 377 13.35 -21.48 23.26
N VAL A 378 14.57 -21.15 23.61
CA VAL A 378 15.02 -19.75 23.77
C VAL A 378 15.89 -19.43 22.57
N HIS A 379 15.58 -18.40 21.80
CA HIS A 379 16.36 -17.98 20.64
C HIS A 379 17.08 -16.67 20.99
N GLU A 380 18.40 -16.79 21.20
CA GLU A 380 19.14 -15.70 21.73
C GLU A 380 19.48 -14.69 20.72
N VAL A 381 19.08 -13.46 21.03
CA VAL A 381 19.31 -12.29 20.17
C VAL A 381 19.56 -11.03 20.95
N ASP A 382 20.20 -10.10 20.26
CA ASP A 382 20.55 -8.79 20.76
C ASP A 382 19.59 -7.71 20.27
N ILE A 383 19.03 -7.88 19.08
CA ILE A 383 18.17 -6.91 18.42
C ILE A 383 16.98 -7.59 17.85
N ILE A 384 15.79 -6.98 18.06
CA ILE A 384 14.50 -7.52 17.60
C ILE A 384 13.79 -6.43 16.75
N ALA A 385 13.49 -6.73 15.49
CA ALA A 385 12.69 -5.89 14.65
C ALA A 385 11.27 -6.45 14.53
N VAL A 386 10.30 -5.68 14.93
CA VAL A 386 8.94 -6.01 14.89
C VAL A 386 8.45 -5.45 13.57
N ALA A 387 8.22 -6.29 12.57
CA ALA A 387 7.87 -5.80 11.25
C ALA A 387 6.35 -6.06 11.07
N THR A 388 5.55 -5.40 11.88
CA THR A 388 4.11 -5.49 11.81
C THR A 388 3.62 -4.98 10.42
N GLY A 389 4.40 -4.19 9.66
CA GLY A 389 3.92 -3.85 8.34
C GLY A 389 2.69 -2.75 8.46
N PHE A 390 1.90 -2.63 7.43
CA PHE A 390 0.77 -1.67 7.30
C PHE A 390 -0.61 -2.04 7.85
N ASP A 391 -1.30 -1.03 8.34
CA ASP A 391 -2.69 -1.14 8.81
C ASP A 391 -3.55 -1.34 7.61
N ALA A 392 -4.79 -1.78 7.82
CA ALA A 392 -5.73 -1.78 6.71
C ALA A 392 -5.91 -0.30 6.46
N VAL A 393 -6.52 0.02 5.32
CA VAL A 393 -6.76 1.48 5.03
C VAL A 393 -7.58 2.17 6.12
N THR A 394 -8.33 1.37 6.83
CA THR A 394 -9.20 1.88 7.81
C THR A 394 -8.62 2.58 8.94
N GLY A 395 -7.54 2.07 9.47
CA GLY A 395 -7.08 2.53 10.73
C GLY A 395 -6.83 4.05 10.62
N GLY A 396 -6.01 4.45 9.63
CA GLY A 396 -5.48 5.77 9.50
C GLY A 396 -6.64 6.73 9.29
N LEU A 397 -7.63 6.36 8.49
CA LEU A 397 -8.79 7.30 8.19
C LEU A 397 -9.68 7.48 9.42
N LEU A 398 -9.85 6.45 10.20
CA LEU A 398 -10.66 6.59 11.44
C LEU A 398 -10.10 7.40 12.48
N ARG A 399 -8.84 7.67 12.48
CA ARG A 399 -8.31 8.56 13.49
C ARG A 399 -8.32 9.98 13.09
N LEU A 400 -8.82 10.32 11.88
CA LEU A 400 -8.92 11.70 11.51
C LEU A 400 -9.93 12.50 12.23
N GLY A 401 -10.95 11.80 12.80
CA GLY A 401 -12.02 12.45 13.50
C GLY A 401 -12.94 13.23 12.57
N LEU A 402 -13.15 12.69 11.36
CA LEU A 402 -14.06 13.21 10.44
C LEU A 402 -15.54 12.84 10.87
N LYS A 403 -16.49 13.78 10.70
CA LYS A 403 -17.93 13.50 10.95
C LYS A 403 -18.76 13.77 9.69
N ASP A 404 -19.88 13.03 9.53
CA ASP A 404 -20.78 13.27 8.40
C ASP A 404 -21.62 14.48 8.72
N VAL A 405 -22.48 14.81 7.81
CA VAL A 405 -23.24 16.00 7.96
C VAL A 405 -24.25 15.84 9.08
N ASN A 406 -24.55 14.64 9.60
CA ASN A 406 -25.44 14.59 10.75
C ASN A 406 -24.62 14.53 12.01
N GLY A 407 -23.31 14.74 11.91
CA GLY A 407 -22.46 14.70 13.12
C GLY A 407 -21.93 13.34 13.53
N VAL A 408 -22.07 12.36 12.70
CA VAL A 408 -21.61 11.01 13.06
C VAL A 408 -20.20 10.71 12.54
N GLY A 409 -19.36 10.21 13.41
CA GLY A 409 -17.97 9.80 13.10
C GLY A 409 -17.87 8.68 12.11
N LEU A 410 -16.87 8.80 11.25
CA LEU A 410 -16.66 7.83 10.25
C LEU A 410 -16.44 6.45 10.94
N ASP A 411 -15.83 6.43 12.14
CA ASP A 411 -15.70 5.14 12.85
C ASP A 411 -17.07 4.39 13.15
N GLU A 412 -18.08 5.19 13.43
CA GLU A 412 -19.32 4.64 13.68
C GLU A 412 -20.04 4.25 12.38
N ARG A 413 -19.84 5.05 11.34
CA ARG A 413 -20.44 4.79 10.01
C ARG A 413 -19.99 3.46 9.51
N TRP A 414 -18.75 3.13 9.83
CA TRP A 414 -18.13 1.93 9.31
C TRP A 414 -18.04 0.76 10.29
N LYS A 415 -18.76 0.82 11.36
CA LYS A 415 -18.60 -0.30 12.30
C LYS A 415 -19.15 -1.57 11.72
N ASP A 416 -20.09 -1.56 10.81
CA ASP A 416 -20.60 -2.76 10.21
C ASP A 416 -20.13 -3.00 8.77
N GLY A 417 -19.05 -2.39 8.37
CA GLY A 417 -18.52 -2.64 7.04
C GLY A 417 -18.33 -1.26 6.40
N MET A 418 -17.41 -1.16 5.48
CA MET A 418 -16.93 0.11 5.05
C MET A 418 -17.49 0.19 3.68
N SER A 419 -18.01 1.32 3.22
CA SER A 419 -18.25 1.42 1.83
C SER A 419 -18.12 2.83 1.36
N THR A 420 -18.05 2.93 0.05
CA THR A 420 -17.70 4.16 -0.64
C THR A 420 -18.38 4.19 -1.99
N TYR A 421 -18.34 5.33 -2.62
CA TYR A 421 -18.62 5.44 -4.07
C TYR A 421 -17.33 5.61 -4.79
N LEU A 422 -17.02 4.70 -5.73
CA LEU A 422 -15.75 4.75 -6.50
C LEU A 422 -14.43 4.60 -5.72
N GLY A 423 -14.48 4.24 -4.43
CA GLY A 423 -13.27 4.25 -3.68
C GLY A 423 -12.87 5.62 -3.27
N MET A 424 -13.65 6.69 -3.60
CA MET A 424 -13.13 8.07 -3.46
C MET A 424 -14.12 8.97 -2.71
N ALA A 425 -15.35 8.56 -2.45
CA ALA A 425 -16.31 9.42 -1.72
C ALA A 425 -17.19 8.60 -0.85
N ILE A 426 -17.57 9.14 0.26
CA ILE A 426 -18.40 8.52 1.23
C ILE A 426 -19.68 9.26 1.45
N SER A 427 -20.83 8.56 1.42
CA SER A 427 -22.09 9.26 1.61
C SER A 427 -22.17 10.05 2.88
N GLY A 428 -22.71 11.26 2.85
CA GLY A 428 -22.79 12.09 4.03
C GLY A 428 -21.51 12.84 4.42
N PHE A 429 -20.45 12.72 3.65
CA PHE A 429 -19.12 13.50 3.80
C PHE A 429 -18.98 14.32 2.48
N PRO A 430 -19.61 15.51 2.46
CA PRO A 430 -19.71 16.13 1.14
C PRO A 430 -18.32 16.78 0.81
N ASN A 431 -18.07 17.02 -0.45
CA ASN A 431 -16.84 17.77 -0.88
C ASN A 431 -15.54 17.17 -0.27
N MET A 432 -15.54 15.86 -0.14
CA MET A 432 -14.46 15.14 0.48
C MET A 432 -14.12 13.99 -0.45
N PHE A 433 -12.84 13.94 -0.88
CA PHE A 433 -12.42 12.94 -1.81
C PHE A 433 -11.15 12.26 -1.31
N LEU A 434 -11.05 10.98 -1.58
CA LEU A 434 -9.99 10.06 -1.00
C LEU A 434 -9.23 9.43 -2.15
N PRO A 435 -8.07 9.95 -2.51
CA PRO A 435 -7.30 9.23 -3.48
C PRO A 435 -6.56 8.04 -2.76
N TYR A 436 -6.29 7.02 -3.53
CA TYR A 436 -5.41 5.87 -3.12
C TYR A 436 -5.96 5.27 -1.89
N SER A 437 -7.25 4.83 -1.94
CA SER A 437 -7.84 4.42 -0.64
C SER A 437 -8.70 3.06 -0.92
N LEU A 438 -9.64 2.74 -0.06
CA LEU A 438 -10.38 1.43 -0.20
C LEU A 438 -11.32 1.36 -1.39
N GLN A 439 -11.63 0.16 -1.83
CA GLN A 439 -12.49 -0.10 -2.92
C GLN A 439 -12.13 0.55 -4.17
N ALA A 440 -10.87 0.84 -4.33
CA ALA A 440 -10.33 1.39 -5.55
C ALA A 440 -9.20 0.40 -6.04
N PRO A 441 -8.65 0.59 -7.25
CA PRO A 441 -7.76 -0.46 -7.73
C PRO A 441 -6.45 -0.63 -6.94
N THR A 442 -6.19 0.27 -6.06
CA THR A 442 -5.07 0.35 -5.09
C THR A 442 -3.98 -0.75 -4.99
N ALA A 443 -4.24 -1.84 -4.33
CA ALA A 443 -3.24 -2.83 -4.19
C ALA A 443 -3.04 -3.72 -5.48
N PHE A 444 -3.94 -3.61 -6.46
CA PHE A 444 -3.88 -4.31 -7.71
C PHE A 444 -3.39 -3.40 -8.81
N ALA A 445 -2.81 -2.27 -8.44
CA ALA A 445 -2.40 -1.38 -9.51
C ALA A 445 -1.02 -0.77 -9.22
N ASN A 446 -0.46 -0.13 -10.23
CA ASN A 446 0.67 0.76 -10.00
C ASN A 446 0.12 2.12 -9.36
N GLY A 447 0.60 2.41 -8.15
CA GLY A 447 0.11 3.55 -7.40
C GLY A 447 0.07 4.82 -8.16
N PRO A 448 1.21 5.23 -8.71
CA PRO A 448 1.26 6.53 -9.33
C PRO A 448 0.29 6.65 -10.52
N THR A 449 0.06 5.59 -11.27
CA THR A 449 -0.82 5.65 -12.38
C THR A 449 -2.31 5.85 -11.83
N LEU A 450 -2.65 5.14 -10.76
CA LEU A 450 -3.97 5.35 -10.16
C LEU A 450 -4.14 6.71 -9.54
N ILE A 451 -3.07 7.15 -8.88
CA ILE A 451 -3.04 8.44 -8.27
C ILE A 451 -3.25 9.54 -9.27
N GLU A 452 -2.58 9.52 -10.43
CA GLU A 452 -2.78 10.54 -11.39
C GLU A 452 -4.19 10.47 -11.99
N LEU A 453 -4.63 9.28 -12.25
CA LEU A 453 -6.01 9.06 -12.73
C LEU A 453 -7.06 9.69 -11.76
N GLN A 454 -6.94 9.42 -10.44
CA GLN A 454 -7.88 9.92 -9.44
C GLN A 454 -7.67 11.38 -9.24
N GLY A 455 -6.41 11.85 -9.25
CA GLY A 455 -6.13 13.22 -9.10
C GLY A 455 -6.62 14.08 -10.24
N ASP A 456 -6.55 13.56 -11.42
CA ASP A 456 -7.06 14.25 -12.61
C ASP A 456 -8.58 14.37 -12.54
N TRP A 457 -9.17 13.29 -12.13
CA TRP A 457 -10.60 13.23 -11.93
C TRP A 457 -11.14 14.14 -10.87
N ILE A 458 -10.50 14.14 -9.73
CA ILE A 458 -10.82 15.09 -8.68
C ILE A 458 -10.66 16.57 -9.15
N THR A 459 -9.61 16.87 -9.86
CA THR A 459 -9.39 18.13 -10.40
C THR A 459 -10.45 18.52 -11.40
N SER A 460 -10.79 17.65 -12.30
CA SER A 460 -11.89 17.91 -13.26
C SER A 460 -13.28 18.09 -12.57
N LEU A 461 -13.48 17.38 -11.49
CA LEU A 461 -14.76 17.36 -10.76
C LEU A 461 -14.84 18.74 -10.04
N ILE A 462 -13.73 19.20 -9.48
CA ILE A 462 -13.72 20.49 -8.84
C ILE A 462 -13.91 21.64 -9.85
N ARG A 463 -13.21 21.56 -10.96
CA ARG A 463 -13.41 22.51 -12.06
C ARG A 463 -14.90 22.64 -12.42
N LYS A 464 -15.53 21.48 -12.60
CA LYS A 464 -16.87 21.41 -12.97
C LYS A 464 -17.77 22.07 -11.90
N MET A 465 -17.54 21.81 -10.62
CA MET A 465 -18.30 22.44 -9.63
C MET A 465 -18.15 23.92 -9.59
N GLU A 466 -16.96 24.35 -9.83
CA GLU A 466 -16.68 25.81 -9.73
C GLU A 466 -17.41 26.47 -10.95
N MET A 467 -17.28 25.89 -12.08
CA MET A 467 -17.91 26.44 -13.28
C MET A 467 -19.46 26.44 -13.06
N GLU A 468 -20.02 25.37 -12.59
CA GLU A 468 -21.42 25.27 -12.41
C GLU A 468 -22.00 25.88 -11.20
N ASN A 469 -21.19 26.49 -10.36
CA ASN A 469 -21.59 27.08 -9.12
C ASN A 469 -22.18 26.10 -8.19
N VAL A 470 -21.60 24.90 -8.13
CA VAL A 470 -22.10 23.87 -7.20
C VAL A 470 -21.40 24.04 -5.87
N GLN A 471 -22.17 24.19 -4.83
CA GLN A 471 -21.65 24.44 -3.53
C GLN A 471 -21.16 23.08 -2.89
N SER A 472 -21.94 22.00 -3.07
CA SER A 472 -21.50 20.69 -2.50
C SER A 472 -21.96 19.54 -3.29
N VAL A 473 -21.17 18.46 -3.27
CA VAL A 473 -21.64 17.23 -3.82
C VAL A 473 -21.44 16.15 -2.74
N THR A 474 -22.37 15.18 -2.68
CA THR A 474 -22.26 14.06 -1.60
C THR A 474 -22.69 12.81 -2.26
N ALA A 475 -21.91 11.73 -2.16
CA ALA A 475 -22.29 10.50 -2.79
C ALA A 475 -23.65 10.06 -2.17
N THR A 476 -24.48 9.46 -2.94
CA THR A 476 -25.81 9.02 -2.43
C THR A 476 -25.68 7.58 -1.85
N PRO A 477 -26.50 7.26 -0.84
CA PRO A 477 -26.43 5.90 -0.26
C PRO A 477 -26.64 4.87 -1.34
N HIS A 478 -27.43 5.21 -2.36
CA HIS A 478 -27.68 4.28 -3.41
C HIS A 478 -26.40 4.02 -4.27
N ALA A 479 -25.71 5.09 -4.68
CA ALA A 479 -24.59 4.92 -5.55
C ALA A 479 -23.49 4.16 -4.74
N GLU A 480 -23.39 4.43 -3.49
CA GLU A 480 -22.43 3.72 -2.66
C GLU A 480 -22.72 2.19 -2.57
N SER A 481 -23.97 1.84 -2.41
CA SER A 481 -24.39 0.49 -2.23
C SER A 481 -24.20 -0.17 -3.52
N ALA A 482 -24.58 0.46 -4.63
CA ALA A 482 -24.29 -0.07 -5.93
C ALA A 482 -22.76 -0.29 -6.25
N TRP A 483 -21.89 0.60 -5.81
CA TRP A 483 -20.45 0.40 -6.01
C TRP A 483 -19.97 -0.82 -5.22
N ASN A 484 -20.41 -0.89 -3.99
CA ASN A 484 -20.05 -1.96 -3.08
C ASN A 484 -20.51 -3.31 -3.75
N ASP A 485 -21.70 -3.34 -4.33
CA ASP A 485 -22.19 -4.51 -5.03
C ASP A 485 -21.34 -4.85 -6.27
N GLU A 486 -20.83 -3.87 -7.03
CA GLU A 486 -19.92 -4.19 -8.15
C GLU A 486 -18.62 -4.74 -7.59
N VAL A 487 -18.05 -4.07 -6.58
CA VAL A 487 -16.81 -4.48 -6.02
C VAL A 487 -16.88 -5.98 -5.62
N ASN A 488 -18.00 -6.29 -4.96
CA ASN A 488 -18.24 -7.64 -4.39
C ASN A 488 -18.41 -8.63 -5.53
N MET A 489 -19.22 -8.30 -6.50
CA MET A 489 -19.45 -9.14 -7.63
C MET A 489 -18.19 -9.51 -8.44
N ILE A 490 -17.32 -8.53 -8.68
CA ILE A 490 -16.04 -8.80 -9.31
C ILE A 490 -15.24 -9.70 -8.43
N ALA A 491 -15.15 -9.37 -7.13
CA ALA A 491 -14.36 -10.25 -6.30
C ALA A 491 -14.90 -11.71 -6.21
N ASN A 492 -16.24 -11.84 -6.12
CA ASN A 492 -16.91 -13.15 -6.03
C ASN A 492 -16.52 -14.13 -7.15
N LYS A 493 -16.15 -13.60 -8.32
CA LYS A 493 -15.72 -14.36 -9.41
C LYS A 493 -14.29 -14.73 -9.42
N THR A 494 -13.57 -14.41 -8.41
CA THR A 494 -12.18 -14.64 -8.36
C THR A 494 -11.97 -15.59 -7.17
N LEU A 495 -10.74 -15.89 -6.86
CA LEU A 495 -10.34 -16.72 -5.72
C LEU A 495 -10.14 -15.92 -4.45
N LEU A 496 -10.39 -14.61 -4.51
CA LEU A 496 -10.27 -13.83 -3.30
C LEU A 496 -11.07 -14.29 -2.10
N PRO A 497 -12.28 -14.80 -2.29
CA PRO A 497 -13.03 -15.25 -1.11
C PRO A 497 -12.40 -16.46 -0.41
N LEU A 498 -11.39 -17.10 -1.10
CA LEU A 498 -10.72 -18.25 -0.54
C LEU A 498 -9.40 -17.99 -0.05
N THR A 499 -9.02 -16.73 0.05
CA THR A 499 -7.69 -16.44 0.57
C THR A 499 -7.80 -16.24 2.13
N ASP A 500 -6.68 -16.35 2.88
CA ASP A 500 -6.71 -16.43 4.35
C ASP A 500 -6.82 -15.07 5.05
N SER A 501 -6.76 -13.96 4.25
CA SER A 501 -6.84 -12.56 4.77
C SER A 501 -8.07 -12.37 5.65
N TRP A 502 -9.20 -12.93 5.18
CA TRP A 502 -10.51 -12.63 5.79
C TRP A 502 -10.54 -13.26 7.22
N TYR A 503 -10.12 -14.52 7.27
CA TYR A 503 -10.00 -15.27 8.55
C TYR A 503 -9.19 -14.52 9.56
N MET A 504 -8.03 -14.10 9.06
CA MET A 504 -7.01 -13.40 9.99
C MET A 504 -7.58 -12.11 10.62
N GLY A 505 -8.19 -11.33 9.74
CA GLY A 505 -8.81 -10.07 10.15
C GLY A 505 -9.98 -10.35 11.14
N SER A 506 -10.79 -11.36 10.89
CA SER A 506 -11.93 -11.61 11.77
C SER A 506 -11.46 -12.23 13.07
N ASN A 507 -10.35 -12.98 13.08
CA ASN A 507 -10.14 -13.85 14.25
C ASN A 507 -8.89 -13.57 14.99
N ILE A 508 -7.89 -13.04 14.34
CA ILE A 508 -6.51 -13.12 14.87
C ILE A 508 -6.13 -11.73 15.45
N PRO A 509 -5.74 -11.70 16.74
CA PRO A 509 -5.42 -10.37 17.31
C PRO A 509 -4.22 -9.71 16.60
N GLY A 510 -4.31 -8.40 16.36
CA GLY A 510 -3.29 -7.66 15.69
C GLY A 510 -3.51 -7.64 14.15
N LYS A 511 -4.52 -8.34 13.59
CA LYS A 511 -4.59 -8.47 12.15
C LYS A 511 -5.83 -7.65 11.89
N PRO A 512 -5.68 -6.56 11.21
CA PRO A 512 -6.87 -5.69 11.03
C PRO A 512 -7.81 -6.17 9.87
N VAL A 513 -9.10 -5.79 9.91
CA VAL A 513 -10.06 -6.21 8.86
C VAL A 513 -9.75 -5.44 7.56
N GLN A 514 -9.42 -6.15 6.51
CA GLN A 514 -9.05 -5.51 5.20
C GLN A 514 -10.30 -5.14 4.41
N SER A 515 -10.16 -4.16 3.55
CA SER A 515 -11.21 -3.74 2.64
C SER A 515 -10.89 -4.36 1.24
N LEU A 516 -11.89 -4.70 0.52
CA LEU A 516 -11.74 -5.15 -0.76
C LEU A 516 -11.27 -4.08 -1.70
N ASN A 517 -10.33 -4.42 -2.54
CA ASN A 517 -10.03 -3.61 -3.73
C ASN A 517 -10.97 -3.82 -4.83
N TYR A 518 -11.06 -2.85 -5.74
CA TYR A 518 -11.75 -2.97 -6.98
C TYR A 518 -10.82 -3.73 -7.91
N LEU A 519 -11.29 -4.87 -8.41
CA LEU A 519 -10.56 -5.68 -9.33
C LEU A 519 -11.03 -5.67 -10.76
N GLY A 520 -11.74 -4.68 -11.18
CA GLY A 520 -12.18 -4.58 -12.56
C GLY A 520 -11.18 -4.09 -13.56
N GLY A 521 -10.05 -3.58 -13.11
CA GLY A 521 -9.04 -3.04 -13.99
C GLY A 521 -9.20 -1.47 -14.15
N LEU A 522 -8.06 -0.82 -14.41
CA LEU A 522 -8.03 0.59 -14.56
C LEU A 522 -8.91 1.07 -15.77
N PRO A 523 -8.96 0.33 -16.88
CA PRO A 523 -9.84 0.86 -17.99
C PRO A 523 -11.34 0.88 -17.60
N THR A 524 -11.84 -0.11 -16.90
CA THR A 524 -13.27 -0.06 -16.43
C THR A 524 -13.42 0.99 -15.35
N TYR A 525 -12.45 1.04 -14.41
CA TYR A 525 -12.51 2.00 -13.33
C TYR A 525 -12.59 3.41 -13.97
N ARG A 526 -11.76 3.71 -14.99
CA ARG A 526 -11.87 4.99 -15.65
C ARG A 526 -13.26 5.31 -16.20
N GLU A 527 -13.89 4.35 -16.85
CA GLU A 527 -15.24 4.55 -17.37
C GLU A 527 -16.25 4.90 -16.26
N ARG A 528 -16.16 4.23 -15.12
CA ARG A 528 -17.03 4.52 -13.97
C ARG A 528 -16.79 5.96 -13.47
N CYS A 529 -15.53 6.41 -13.42
CA CYS A 529 -15.21 7.75 -13.02
C CYS A 529 -15.76 8.73 -14.06
N ALA A 530 -15.54 8.45 -15.30
CA ALA A 530 -15.91 9.44 -16.33
C ALA A 530 -17.38 9.72 -16.32
N LYS A 531 -18.17 8.69 -15.99
CA LYS A 531 -19.62 8.87 -16.06
C LYS A 531 -20.16 10.03 -15.12
N VAL A 532 -19.44 10.20 -13.98
CA VAL A 532 -19.70 11.28 -13.07
C VAL A 532 -19.57 12.66 -13.76
N LEU A 533 -18.50 12.88 -14.56
CA LEU A 533 -18.22 14.08 -15.15
C LEU A 533 -19.17 14.30 -16.42
N ASP A 534 -19.52 13.23 -17.08
CA ASP A 534 -20.27 13.32 -18.35
C ASP A 534 -21.79 13.30 -18.13
N GLU A 535 -22.29 12.74 -17.02
CA GLU A 535 -23.71 12.68 -16.70
C GLU A 535 -24.08 13.42 -15.50
N ASP A 536 -23.66 14.69 -15.43
CA ASP A 536 -24.17 15.58 -14.38
C ASP A 536 -23.99 15.14 -12.91
N PHE A 537 -22.78 14.82 -12.61
CA PHE A 537 -22.42 14.31 -11.27
C PHE A 537 -23.12 13.02 -10.87
N PHE A 538 -23.30 12.13 -11.83
CA PHE A 538 -23.98 10.86 -11.68
C PHE A 538 -23.53 10.15 -10.30
N GLY A 539 -24.47 9.84 -9.47
CA GLY A 539 -24.16 9.21 -8.11
C GLY A 539 -23.98 10.18 -6.93
N PHE A 540 -23.92 11.49 -7.21
CA PHE A 540 -23.89 12.48 -6.21
C PHE A 540 -25.15 13.32 -6.14
N ALA A 541 -25.53 13.72 -4.93
CA ALA A 541 -26.58 14.77 -4.65
C ALA A 541 -25.77 16.11 -4.66
N LYS A 542 -26.27 17.07 -5.35
CA LYS A 542 -25.66 18.38 -5.53
C LYS A 542 -26.44 19.42 -4.74
N ALA A 543 -25.80 20.44 -4.27
CA ALA A 543 -26.48 21.66 -3.63
C ALA A 543 -25.74 22.84 -4.28
N HIS A 544 -26.43 23.92 -4.62
CA HIS A 544 -25.83 25.07 -5.29
C HIS A 544 -25.63 26.27 -4.40
N HIS A 545 -24.63 27.10 -4.81
CA HIS A 545 -24.31 28.31 -4.09
C HIS A 545 -25.51 29.35 -4.29
#